data_3TOT
#
_entry.id   3TOT
#
_cell.length_a   76.324
_cell.length_b   76.324
_cell.length_c   151.624
_cell.angle_alpha   90.00
_cell.angle_beta   90.00
_cell.angle_gamma   90.00
#
_symmetry.space_group_name_H-M   'P 41 21 2'
#
loop_
_entity.id
_entity.type
_entity.pdbx_description
1 polymer 'Glutathione s-transferase protein'
2 non-polymer 'ACETATE ION'
3 water water
#
_entity_poly.entity_id   1
_entity_poly.type   'polypeptide(L)'
_entity_poly.pdbx_seq_one_letter_code
;MVMKLIGSHASPYTRKVRVVLAEKKIDYQFVLEDVWNADTQIHQFNPLGKVPCLVMDDGGALFDSRVIAEYADTLSPVAR
LIPPSGRERVEVRCWEALADGLLDAAVALRVEQTQRTPEQRSESWITRQHHKIDEALKAMSRGLADRTWCNGNHLTLADI
AVGCALAYLDFRQPQVDWREQHANLAAFYTRIEKRPSFLETQPQAENLYFQSHHHHHHWSHPQFEK
;
_entity_poly.pdbx_strand_id   A,B
#
loop_
_chem_comp.id
_chem_comp.type
_chem_comp.name
_chem_comp.formula
ACT non-polymer 'ACETATE ION' 'C2 H3 O2 -1'
#
# COMPACT_ATOMS: atom_id res chain seq x y z
N VAL A 2 -23.89 11.78 -2.39
CA VAL A 2 -23.43 10.50 -1.80
C VAL A 2 -22.16 10.05 -2.52
N MET A 3 -21.14 9.69 -1.75
CA MET A 3 -19.87 9.24 -2.33
C MET A 3 -20.05 7.95 -3.14
N LYS A 4 -19.22 7.78 -4.17
CA LYS A 4 -19.27 6.56 -4.96
C LYS A 4 -17.98 5.77 -4.73
N LEU A 5 -18.10 4.50 -4.38
CA LEU A 5 -16.93 3.63 -4.28
C LEU A 5 -16.85 2.76 -5.53
N ILE A 6 -15.78 2.92 -6.30
CA ILE A 6 -15.55 2.11 -7.50
C ILE A 6 -14.79 0.86 -7.04
N GLY A 7 -15.29 -0.32 -7.37
CA GLY A 7 -14.62 -1.54 -6.94
C GLY A 7 -15.22 -2.76 -7.58
N SER A 8 -14.87 -3.93 -7.05
CA SER A 8 -15.48 -5.17 -7.48
C SER A 8 -15.81 -5.96 -6.21
N HIS A 9 -16.73 -6.92 -6.33
CA HIS A 9 -17.03 -7.82 -5.22
C HIS A 9 -15.81 -8.65 -4.82
N ALA A 10 -15.00 -9.07 -5.79
CA ALA A 10 -13.84 -9.94 -5.51
C ALA A 10 -12.69 -9.23 -4.80
N SER A 11 -12.48 -7.96 -5.16
CA SER A 11 -11.34 -7.17 -4.68
C SER A 11 -11.31 -7.11 -3.14
N PRO A 12 -10.24 -7.67 -2.54
CA PRO A 12 -10.18 -7.66 -1.08
C PRO A 12 -9.79 -6.29 -0.53
N TYR A 13 -9.09 -5.48 -1.31
CA TYR A 13 -8.78 -4.13 -0.88
C TYR A 13 -10.06 -3.28 -0.86
N THR A 14 -10.91 -3.50 -1.86
CA THR A 14 -12.24 -2.88 -1.90
C THR A 14 -13.06 -3.36 -0.71
N ARG A 15 -12.99 -4.66 -0.42
CA ARG A 15 -13.73 -5.19 0.71
C ARG A 15 -13.33 -4.51 2.01
N LYS A 16 -12.02 -4.32 2.22
CA LYS A 16 -11.56 -3.61 3.43
C LYS A 16 -12.26 -2.26 3.58
N VAL A 17 -12.34 -1.52 2.48
CA VAL A 17 -13.00 -0.21 2.52
C VAL A 17 -14.51 -0.34 2.79
N ARG A 18 -15.14 -1.31 2.14
CA ARG A 18 -16.59 -1.53 2.32
C ARG A 18 -16.92 -1.92 3.75
N VAL A 19 -16.06 -2.75 4.35
CA VAL A 19 -16.23 -3.09 5.76
C VAL A 19 -16.08 -1.86 6.66
N VAL A 20 -15.06 -1.04 6.37
CA VAL A 20 -14.84 0.18 7.14
C VAL A 20 -16.08 1.09 7.02
N LEU A 21 -16.56 1.29 5.80
CA LEU A 21 -17.73 2.15 5.57
C LEU A 21 -18.96 1.63 6.31
N ALA A 22 -19.14 0.32 6.35
CA ALA A 22 -20.28 -0.29 7.07
C ALA A 22 -20.15 -0.10 8.59
N GLU A 23 -18.97 -0.35 9.14
CA GLU A 23 -18.70 -0.15 10.57
C GLU A 23 -18.86 1.31 10.97
N LYS A 24 -18.48 2.22 10.08
CA LYS A 24 -18.58 3.67 10.34
C LYS A 24 -19.97 4.25 10.09
N LYS A 25 -20.86 3.43 9.53
CA LYS A 25 -22.23 3.82 9.16
C LYS A 25 -22.24 4.97 8.15
N ILE A 26 -21.31 4.91 7.21
CA ILE A 26 -21.22 5.92 6.15
C ILE A 26 -21.92 5.39 4.90
N ASP A 27 -22.87 6.17 4.41
CA ASP A 27 -23.59 5.86 3.18
C ASP A 27 -22.66 6.05 1.97
N TYR A 28 -22.78 5.16 1.00
CA TYR A 28 -22.02 5.26 -0.25
C TYR A 28 -22.75 4.45 -1.33
N GLN A 29 -22.43 4.73 -2.59
CA GLN A 29 -22.94 3.92 -3.70
C GLN A 29 -21.82 3.06 -4.25
N PHE A 30 -22.05 1.76 -4.30
CA PHE A 30 -21.04 0.81 -4.78
C PHE A 30 -21.16 0.68 -6.29
N VAL A 31 -20.11 1.10 -6.99
CA VAL A 31 -20.08 1.11 -8.44
C VAL A 31 -19.12 0.03 -8.96
N LEU A 32 -19.69 -1.00 -9.61
CA LEU A 32 -18.92 -2.14 -10.08
C LEU A 32 -18.09 -1.84 -11.32
N GLU A 33 -16.83 -2.24 -11.29
CA GLU A 33 -15.91 -1.96 -12.38
C GLU A 33 -14.96 -3.13 -12.53
N ASP A 34 -14.67 -3.51 -13.79
CA ASP A 34 -13.67 -4.53 -14.09
C ASP A 34 -12.44 -3.81 -14.65
N VAL A 35 -11.43 -3.64 -13.80
CA VAL A 35 -10.22 -2.90 -14.18
C VAL A 35 -9.35 -3.63 -15.20
N TRP A 36 -9.65 -4.92 -15.42
CA TRP A 36 -8.94 -5.76 -16.39
C TRP A 36 -9.56 -5.76 -17.79
N ASN A 37 -10.72 -5.13 -17.94
CA ASN A 37 -11.39 -4.96 -19.23
C ASN A 37 -10.69 -3.87 -20.04
N ALA A 38 -10.46 -4.12 -21.34
CA ALA A 38 -9.82 -3.11 -22.20
C ALA A 38 -10.57 -1.78 -22.27
N ASP A 39 -11.88 -1.84 -22.05
CA ASP A 39 -12.76 -0.67 -22.08
C ASP A 39 -13.00 -0.04 -20.71
N THR A 40 -12.21 -0.42 -19.69
CA THR A 40 -12.39 0.15 -18.35
C THR A 40 -12.28 1.67 -18.30
N GLN A 41 -13.06 2.27 -17.41
CA GLN A 41 -13.07 3.71 -17.20
C GLN A 41 -12.24 4.11 -15.99
N ILE A 42 -11.56 3.13 -15.36
CA ILE A 42 -10.91 3.39 -14.05
C ILE A 42 -9.92 4.56 -14.05
N HIS A 43 -9.19 4.75 -15.16
CA HIS A 43 -8.16 5.78 -15.22
C HIS A 43 -8.73 7.19 -15.29
N GLN A 44 -10.03 7.29 -15.56
CA GLN A 44 -10.73 8.57 -15.46
C GLN A 44 -10.91 9.00 -14.00
N PHE A 45 -10.66 8.10 -13.05
CA PHE A 45 -10.79 8.40 -11.61
C PHE A 45 -9.53 8.12 -10.78
N ASN A 46 -8.96 6.94 -10.95
CA ASN A 46 -7.70 6.62 -10.31
C ASN A 46 -6.62 6.53 -11.38
N PRO A 47 -5.64 7.45 -11.33
CA PRO A 47 -4.53 7.39 -12.31
C PRO A 47 -3.74 6.08 -12.29
N LEU A 48 -3.71 5.39 -11.15
CA LEU A 48 -3.06 4.07 -11.09
C LEU A 48 -3.87 2.93 -11.70
N GLY A 49 -5.15 3.17 -12.02
CA GLY A 49 -5.99 2.16 -12.67
C GLY A 49 -6.42 1.00 -11.80
N LYS A 50 -6.49 1.26 -10.48
CA LYS A 50 -6.80 0.21 -9.53
CA LYS A 50 -6.78 0.22 -9.50
C LYS A 50 -8.05 0.54 -8.73
N VAL A 51 -8.67 -0.52 -8.20
CA VAL A 51 -9.78 -0.34 -7.26
C VAL A 51 -9.29 -0.79 -5.87
N PRO A 52 -9.85 -0.22 -4.80
CA PRO A 52 -10.94 0.76 -4.77
C PRO A 52 -10.51 2.19 -5.08
N CYS A 53 -11.49 2.97 -5.54
CA CYS A 53 -11.32 4.40 -5.69
C CYS A 53 -12.60 5.07 -5.19
N LEU A 54 -12.46 6.01 -4.27
CA LEU A 54 -13.63 6.70 -3.69
C LEU A 54 -13.80 8.03 -4.39
N VAL A 55 -14.98 8.28 -4.96
CA VAL A 55 -15.23 9.53 -5.67
C VAL A 55 -16.24 10.40 -4.90
N MET A 56 -15.86 11.64 -4.61
CA MET A 56 -16.67 12.53 -3.78
C MET A 56 -17.75 13.21 -4.63
N ASP A 57 -18.69 13.90 -3.95
CA ASP A 57 -19.76 14.66 -4.64
C ASP A 57 -19.24 15.64 -5.69
N ASP A 58 -18.10 16.28 -5.42
CA ASP A 58 -17.51 17.24 -6.35
C ASP A 58 -16.60 16.64 -7.43
N GLY A 59 -16.46 15.31 -7.45
CA GLY A 59 -15.65 14.65 -8.49
C GLY A 59 -14.25 14.27 -8.02
N GLY A 60 -13.84 14.77 -6.85
CA GLY A 60 -12.51 14.50 -6.29
C GLY A 60 -12.37 13.01 -5.99
N ALA A 61 -11.20 12.46 -6.25
CA ALA A 61 -11.01 11.00 -6.15
C ALA A 61 -9.94 10.66 -5.13
N LEU A 62 -10.19 9.59 -4.37
CA LEU A 62 -9.27 9.17 -3.31
C LEU A 62 -8.86 7.72 -3.51
N PHE A 63 -7.60 7.41 -3.18
CA PHE A 63 -7.03 6.07 -3.33
C PHE A 63 -5.70 6.14 -2.51
N ASP A 64 -5.08 5.02 -2.13
CA ASP A 64 -5.56 3.64 -2.32
C ASP A 64 -6.44 3.22 -1.14
N SER A 65 -6.62 1.92 -0.91
CA SER A 65 -7.52 1.45 0.15
C SER A 65 -7.11 1.94 1.54
N ARG A 66 -5.80 2.05 1.79
CA ARG A 66 -5.34 2.55 3.10
C ARG A 66 -5.74 4.00 3.33
N VAL A 67 -5.60 4.81 2.28
CA VAL A 67 -5.91 6.24 2.37
C VAL A 67 -7.44 6.41 2.54
N ILE A 68 -8.20 5.62 1.80
CA ILE A 68 -9.68 5.66 1.88
C ILE A 68 -10.17 5.27 3.28
N ALA A 69 -9.65 4.15 3.79
CA ALA A 69 -10.02 3.67 5.13
C ALA A 69 -9.69 4.71 6.21
N GLU A 70 -8.53 5.32 6.08
CA GLU A 70 -8.12 6.35 7.04
C GLU A 70 -9.05 7.57 7.01
N TYR A 71 -9.34 8.05 5.81
CA TYR A 71 -10.28 9.14 5.63
C TYR A 71 -11.66 8.79 6.21
N ALA A 72 -12.15 7.58 5.90
CA ALA A 72 -13.47 7.15 6.35
C ALA A 72 -13.60 7.12 7.87
N ASP A 73 -12.52 6.74 8.58
CA ASP A 73 -12.56 6.74 10.05
C ASP A 73 -12.80 8.14 10.65
N THR A 74 -12.39 9.20 9.94
CA THR A 74 -12.59 10.58 10.40
C THR A 74 -14.00 11.14 10.16
N LEU A 75 -14.77 10.50 9.30
CA LEU A 75 -16.05 11.03 8.82
C LEU A 75 -17.25 10.78 9.74
N SER A 76 -17.05 9.94 10.73
CA SER A 76 -18.14 9.51 11.57
C SER A 76 -17.62 9.22 12.98
N PRO A 77 -18.47 9.45 14.00
CA PRO A 77 -18.03 9.14 15.36
C PRO A 77 -18.27 7.69 15.78
N VAL A 78 -18.86 6.89 14.89
CA VAL A 78 -19.20 5.50 15.19
C VAL A 78 -17.94 4.69 15.12
N ALA A 79 -17.54 4.12 16.26
CA ALA A 79 -16.30 3.39 16.44
C ALA A 79 -15.06 4.27 16.23
N ARG A 80 -13.91 3.76 16.66
CA ARG A 80 -12.66 4.39 16.31
C ARG A 80 -11.74 3.31 15.80
N LEU A 81 -11.60 3.25 14.49
CA LEU A 81 -10.91 2.12 13.85
C LEU A 81 -9.41 2.33 13.79
N ILE A 82 -8.96 3.58 13.91
CA ILE A 82 -7.53 3.86 13.97
C ILE A 82 -7.24 4.71 15.20
N PRO A 83 -6.42 4.20 16.13
CA PRO A 83 -6.04 4.98 17.32
C PRO A 83 -5.39 6.32 16.93
N PRO A 84 -5.63 7.39 17.74
N PRO A 84 -5.49 7.35 17.82
CA PRO A 84 -5.17 8.73 17.35
CA PRO A 84 -4.69 8.57 17.64
C PRO A 84 -3.65 8.92 17.39
C PRO A 84 -3.19 8.30 17.86
N SER A 85 -2.96 8.10 18.16
N SER A 85 -2.33 9.23 17.47
CA SER A 85 -1.53 8.29 18.29
CA SER A 85 -0.89 9.02 17.56
C SER A 85 -0.83 7.22 19.10
C SER A 85 -0.49 8.35 18.88
N GLY A 86 0.44 7.51 19.34
N GLY A 86 0.45 7.41 18.81
CA GLY A 86 1.27 6.67 20.16
CA GLY A 86 0.87 6.60 19.96
C GLY A 86 1.48 5.32 19.54
C GLY A 86 1.36 5.24 19.49
N ARG A 87 1.83 4.39 20.42
CA ARG A 87 2.22 3.02 20.09
C ARG A 87 1.08 2.27 19.37
N GLU A 88 -0.16 2.46 19.84
CA GLU A 88 -1.33 1.75 19.31
C GLU A 88 -1.61 2.10 17.86
N ARG A 89 -1.43 3.37 17.49
CA ARG A 89 -1.67 3.77 16.11
C ARG A 89 -0.68 3.04 15.21
N VAL A 90 0.61 3.07 15.55
CA VAL A 90 1.63 2.47 14.70
CA VAL A 90 1.63 2.47 14.70
C VAL A 90 1.43 0.94 14.58
N GLU A 91 1.08 0.30 15.69
CA GLU A 91 0.78 -1.12 15.68
C GLU A 91 -0.38 -1.46 14.74
N VAL A 92 -1.44 -0.66 14.81
CA VAL A 92 -2.61 -0.88 13.92
C VAL A 92 -2.22 -0.66 12.44
N ARG A 93 -1.44 0.38 12.16
CA ARG A 93 -0.96 0.65 10.78
C ARG A 93 -0.10 -0.51 10.27
N CYS A 94 0.77 -1.02 11.13
CA CYS A 94 1.63 -2.16 10.77
C CYS A 94 0.82 -3.45 10.54
N TRP A 95 -0.17 -3.71 11.39
CA TRP A 95 -1.10 -4.84 11.15
C TRP A 95 -1.78 -4.70 9.79
N GLU A 96 -2.20 -3.49 9.44
CA GLU A 96 -2.84 -3.29 8.14
C GLU A 96 -1.85 -3.59 7.01
N ALA A 97 -0.61 -3.18 7.16
CA ALA A 97 0.42 -3.44 6.12
C ALA A 97 0.72 -4.94 6.00
N LEU A 98 0.66 -5.65 7.11
CA LEU A 98 0.90 -7.10 7.11
C LEU A 98 -0.24 -7.82 6.37
N ALA A 99 -1.49 -7.45 6.67
CA ALA A 99 -2.64 -7.99 5.94
C ALA A 99 -2.65 -7.62 4.46
N ASP A 100 -2.39 -6.34 4.16
CA ASP A 100 -2.32 -5.85 2.77
C ASP A 100 -1.21 -6.55 1.98
N GLY A 101 -0.09 -6.83 2.64
CA GLY A 101 1.01 -7.58 2.01
C GLY A 101 0.66 -9.04 1.72
N LEU A 102 -0.08 -9.67 2.63
CA LEU A 102 -0.63 -11.01 2.36
C LEU A 102 -1.52 -10.92 1.10
N LEU A 103 -2.39 -9.91 1.06
CA LEU A 103 -3.24 -9.67 -0.11
C LEU A 103 -2.42 -9.44 -1.36
N ASP A 104 -1.36 -8.64 -1.25
CA ASP A 104 -0.49 -8.36 -2.42
C ASP A 104 0.04 -9.67 -2.99
N ALA A 105 0.46 -10.59 -2.13
CA ALA A 105 0.99 -11.88 -2.59
C ALA A 105 -0.11 -12.75 -3.19
N ALA A 106 -1.27 -12.82 -2.53
CA ALA A 106 -2.38 -13.63 -3.05
C ALA A 106 -2.92 -13.07 -4.39
N VAL A 107 -3.02 -11.75 -4.49
CA VAL A 107 -3.41 -11.09 -5.75
C VAL A 107 -2.35 -11.28 -6.85
N ALA A 108 -1.08 -11.23 -6.49
CA ALA A 108 0.00 -11.55 -7.46
C ALA A 108 -0.22 -12.95 -8.06
N LEU A 109 -0.64 -13.89 -7.22
CA LEU A 109 -0.98 -15.26 -7.67
C LEU A 109 -2.18 -15.28 -8.64
N ARG A 110 -3.21 -14.50 -8.33
CA ARG A 110 -4.41 -14.37 -9.19
C ARG A 110 -4.02 -13.77 -10.56
N VAL A 111 -3.11 -12.80 -10.54
CA VAL A 111 -2.60 -12.16 -11.76
C VAL A 111 -1.77 -13.15 -12.57
N GLU A 112 -0.98 -13.97 -11.89
CA GLU A 112 -0.22 -15.02 -12.56
C GLU A 112 -1.14 -16.03 -13.27
N GLN A 113 -2.33 -16.23 -12.72
CA GLN A 113 -3.33 -17.08 -13.37
C GLN A 113 -3.99 -16.38 -14.57
N THR A 114 -4.51 -15.17 -14.34
CA THR A 114 -5.39 -14.53 -15.32
C THR A 114 -4.68 -13.72 -16.42
N GLN A 115 -3.46 -13.26 -16.15
CA GLN A 115 -2.78 -12.34 -17.06
C GLN A 115 -1.55 -12.93 -17.74
N ARG A 116 -1.28 -14.20 -17.47
CA ARG A 116 -0.16 -14.91 -18.08
C ARG A 116 -0.74 -16.13 -18.77
N THR A 117 -0.23 -16.45 -19.96
CA THR A 117 -0.59 -17.70 -20.62
C THR A 117 0.12 -18.83 -19.88
N PRO A 118 -0.37 -20.08 -19.98
CA PRO A 118 0.34 -21.20 -19.36
C PRO A 118 1.84 -21.25 -19.68
N GLU A 119 2.19 -20.84 -20.90
CA GLU A 119 3.58 -20.88 -21.37
C GLU A 119 4.46 -19.83 -20.71
N GLN A 120 3.83 -18.76 -20.20
CA GLN A 120 4.49 -17.62 -19.58
C GLN A 120 4.64 -17.76 -18.05
N ARG A 121 3.92 -18.70 -17.45
CA ARG A 121 3.86 -18.79 -15.98
C ARG A 121 5.18 -19.23 -15.35
N SER A 122 5.53 -18.60 -14.25
CA SER A 122 6.81 -18.84 -13.59
C SER A 122 6.59 -19.56 -12.26
N GLU A 123 7.09 -20.78 -12.16
CA GLU A 123 6.97 -21.56 -10.93
C GLU A 123 7.74 -20.94 -9.76
N SER A 124 8.88 -20.30 -10.05
CA SER A 124 9.65 -19.61 -9.02
C SER A 124 8.91 -18.40 -8.44
N TRP A 125 8.26 -17.62 -9.30
CA TRP A 125 7.41 -16.52 -8.85
C TRP A 125 6.22 -16.99 -8.00
N ILE A 126 5.60 -18.09 -8.43
CA ILE A 126 4.47 -18.69 -7.71
C ILE A 126 4.91 -19.14 -6.31
N THR A 127 6.08 -19.81 -6.23
CA THR A 127 6.65 -20.26 -4.96
C THR A 127 6.92 -19.07 -4.03
N ARG A 128 7.49 -17.99 -4.59
CA ARG A 128 7.84 -16.78 -3.84
C ARG A 128 6.62 -16.17 -3.15
N GLN A 129 5.53 -16.04 -3.90
CA GLN A 129 4.30 -15.48 -3.34
C GLN A 129 3.68 -16.41 -2.30
N HIS A 130 3.73 -17.72 -2.55
CA HIS A 130 3.25 -18.65 -1.53
C HIS A 130 4.08 -18.60 -0.23
N HIS A 131 5.37 -18.35 -0.35
CA HIS A 131 6.25 -18.22 0.82
C HIS A 131 5.87 -16.98 1.63
N LYS A 132 5.60 -15.87 0.93
CA LYS A 132 5.11 -14.65 1.59
C LYS A 132 3.81 -14.88 2.35
N ILE A 133 2.87 -15.59 1.74
CA ILE A 133 1.57 -15.88 2.39
C ILE A 133 1.79 -16.73 3.65
N ASP A 134 2.60 -17.76 3.51
CA ASP A 134 2.97 -18.63 4.63
C ASP A 134 3.58 -17.85 5.79
N GLU A 135 4.55 -16.98 5.47
CA GLU A 135 5.24 -16.20 6.50
C GLU A 135 4.36 -15.11 7.10
N ALA A 136 3.52 -14.48 6.28
CA ALA A 136 2.53 -13.52 6.79
C ALA A 136 1.54 -14.17 7.77
N LEU A 137 1.07 -15.38 7.46
CA LEU A 137 0.13 -16.09 8.34
C LEU A 137 0.79 -16.43 9.68
N LYS A 138 2.05 -16.87 9.63
CA LYS A 138 2.80 -17.15 10.87
C LYS A 138 2.91 -15.91 11.75
N ALA A 139 3.24 -14.77 11.13
CA ALA A 139 3.34 -13.49 11.86
C ALA A 139 2.01 -13.03 12.42
N MET A 140 0.93 -13.16 11.64
CA MET A 140 -0.40 -12.82 12.14
C MET A 140 -0.76 -13.66 13.36
N SER A 141 -0.50 -14.97 13.26
CA SER A 141 -0.78 -15.88 14.38
C SER A 141 0.06 -15.52 15.62
N ARG A 142 1.37 -15.30 15.42
CA ARG A 142 2.27 -14.88 16.50
CA ARG A 142 2.26 -14.90 16.51
C ARG A 142 1.81 -13.58 17.14
N GLY A 143 1.44 -12.61 16.30
CA GLY A 143 1.03 -11.29 16.77
C GLY A 143 -0.27 -11.29 17.57
N LEU A 144 -1.24 -12.08 17.13
CA LEU A 144 -2.55 -12.16 17.78
C LEU A 144 -2.49 -12.90 19.12
N ALA A 145 -1.62 -13.92 19.17
CA ALA A 145 -1.43 -14.76 20.36
C ALA A 145 -2.79 -15.20 20.89
N ASP A 146 -3.02 -14.95 22.18
CA ASP A 146 -4.24 -15.38 22.86
C ASP A 146 -5.32 -14.28 22.90
N ARG A 147 -5.10 -13.17 22.20
CA ARG A 147 -5.97 -12.02 22.32
C ARG A 147 -7.24 -12.13 21.48
N THR A 148 -8.24 -11.34 21.86
CA THR A 148 -9.51 -11.33 21.13
C THR A 148 -9.37 -10.51 19.85
N TRP A 149 -8.71 -9.37 19.97
CA TRP A 149 -8.50 -8.46 18.84
C TRP A 149 -7.01 -8.30 18.61
N CYS A 150 -6.64 -7.90 17.40
CA CYS A 150 -5.22 -7.69 17.06
C CYS A 150 -4.56 -6.65 17.96
N ASN A 151 -5.28 -5.56 18.26
CA ASN A 151 -4.79 -4.44 19.07
C ASN A 151 -5.85 -3.87 20.01
N GLY A 152 -5.45 -3.63 21.27
CA GLY A 152 -6.36 -3.08 22.27
C GLY A 152 -7.53 -4.00 22.60
N ASN A 153 -8.61 -3.43 23.10
CA ASN A 153 -9.76 -4.22 23.53
C ASN A 153 -10.97 -4.16 22.60
N HIS A 154 -10.77 -3.63 21.39
CA HIS A 154 -11.89 -3.46 20.49
C HIS A 154 -11.46 -3.65 19.04
N LEU A 155 -12.45 -3.89 18.19
CA LEU A 155 -12.24 -3.98 16.75
C LEU A 155 -11.57 -2.72 16.20
N THR A 156 -10.48 -2.91 15.44
CA THR A 156 -9.85 -1.80 14.73
C THR A 156 -9.69 -2.17 13.26
N LEU A 157 -9.11 -1.24 12.50
CA LEU A 157 -8.76 -1.49 11.09
C LEU A 157 -7.84 -2.69 10.95
N ALA A 158 -7.01 -2.94 11.97
CA ALA A 158 -6.17 -4.15 12.01
C ALA A 158 -6.99 -5.42 11.86
N ASP A 159 -8.05 -5.56 12.65
CA ASP A 159 -8.92 -6.73 12.56
C ASP A 159 -9.64 -6.85 11.22
N ILE A 160 -10.15 -5.72 10.74
CA ILE A 160 -10.81 -5.69 9.43
C ILE A 160 -9.88 -6.18 8.32
N ALA A 161 -8.66 -5.63 8.31
CA ALA A 161 -7.68 -5.98 7.28
C ALA A 161 -7.31 -7.47 7.33
N VAL A 162 -7.02 -7.96 8.54
CA VAL A 162 -6.71 -9.39 8.71
C VAL A 162 -7.89 -10.28 8.26
N GLY A 163 -9.09 -9.91 8.69
CA GLY A 163 -10.32 -10.59 8.26
C GLY A 163 -10.48 -10.68 6.75
N CYS A 164 -10.25 -9.57 6.06
CA CYS A 164 -10.38 -9.57 4.61
C CYS A 164 -9.31 -10.45 3.97
N ALA A 165 -8.11 -10.44 4.55
CA ALA A 165 -7.03 -11.31 4.05
C ALA A 165 -7.35 -12.80 4.18
N LEU A 166 -7.78 -13.23 5.38
CA LEU A 166 -8.13 -14.64 5.60
C LEU A 166 -9.30 -15.08 4.71
N ALA A 167 -10.33 -14.22 4.62
CA ALA A 167 -11.45 -14.48 3.70
C ALA A 167 -11.03 -14.57 2.25
N TYR A 168 -10.05 -13.74 1.86
CA TYR A 168 -9.57 -13.77 0.48
C TYR A 168 -8.84 -15.09 0.15
N LEU A 169 -8.07 -15.60 1.11
CA LEU A 169 -7.48 -16.95 0.97
C LEU A 169 -8.55 -18.04 0.81
N ASP A 170 -9.61 -17.98 1.61
CA ASP A 170 -10.73 -18.93 1.48
C ASP A 170 -11.33 -18.91 0.06
N PHE A 171 -11.42 -17.70 -0.50
CA PHE A 171 -12.07 -17.45 -1.78
C PHE A 171 -11.20 -17.87 -2.98
N ARG A 172 -9.93 -17.45 -3.00
CA ARG A 172 -9.07 -17.71 -4.16
C ARG A 172 -8.00 -18.78 -3.97
N GLN A 173 -7.63 -19.05 -2.72
CA GLN A 173 -6.54 -19.98 -2.41
C GLN A 173 -6.98 -21.00 -1.36
N PRO A 174 -8.08 -21.75 -1.62
CA PRO A 174 -8.62 -22.56 -0.52
C PRO A 174 -7.73 -23.73 -0.09
N GLN A 175 -6.74 -24.09 -0.91
CA GLN A 175 -5.80 -25.15 -0.58
C GLN A 175 -4.82 -24.76 0.53
N VAL A 176 -4.66 -23.46 0.78
CA VAL A 176 -3.88 -22.99 1.92
C VAL A 176 -4.70 -23.27 3.19
N ASP A 177 -4.32 -24.29 3.95
CA ASP A 177 -5.08 -24.64 5.15
C ASP A 177 -4.56 -23.84 6.33
N TRP A 178 -4.88 -22.55 6.33
CA TRP A 178 -4.40 -21.65 7.36
C TRP A 178 -5.07 -21.93 8.70
N ARG A 179 -6.31 -22.42 8.67
CA ARG A 179 -7.02 -22.81 9.92
C ARG A 179 -6.33 -23.95 10.66
N GLU A 180 -5.90 -24.98 9.92
CA GLU A 180 -5.19 -26.13 10.51
C GLU A 180 -3.82 -25.72 11.05
N GLN A 181 -3.15 -24.81 10.33
CA GLN A 181 -1.85 -24.29 10.75
C GLN A 181 -1.94 -23.41 12.00
N HIS A 182 -2.99 -22.60 12.08
CA HIS A 182 -3.07 -21.54 13.10
C HIS A 182 -4.45 -21.51 13.73
N ALA A 183 -4.61 -22.29 14.80
CA ALA A 183 -5.85 -22.34 15.56
C ALA A 183 -6.35 -20.96 15.99
N ASN A 184 -5.46 -20.10 16.46
CA ASN A 184 -5.90 -18.77 16.89
C ASN A 184 -6.52 -17.92 15.76
N LEU A 185 -5.96 -18.04 14.56
CA LEU A 185 -6.57 -17.38 13.38
C LEU A 185 -7.91 -17.98 12.98
N ALA A 186 -8.06 -19.30 13.11
CA ALA A 186 -9.35 -19.95 12.82
C ALA A 186 -10.45 -19.41 13.75
N ALA A 187 -10.13 -19.28 15.04
CA ALA A 187 -11.05 -18.74 16.04
C ALA A 187 -11.36 -17.25 15.82
N PHE A 188 -10.32 -16.48 15.52
CA PHE A 188 -10.45 -15.06 15.17
C PHE A 188 -11.44 -14.88 14.02
N TYR A 189 -11.24 -15.65 12.97
CA TYR A 189 -12.07 -15.51 11.77
C TYR A 189 -13.52 -15.91 12.04
N THR A 190 -13.73 -16.95 12.85
CA THR A 190 -15.08 -17.36 13.26
C THR A 190 -15.82 -16.20 13.94
N ARG A 191 -15.10 -15.44 14.76
CA ARG A 191 -15.69 -14.28 15.44
C ARG A 191 -15.97 -13.12 14.48
N ILE A 192 -15.06 -12.87 13.54
CA ILE A 192 -15.20 -11.66 12.70
C ILE A 192 -16.16 -11.85 11.52
N GLU A 193 -16.24 -13.07 10.98
CA GLU A 193 -17.03 -13.35 9.77
C GLU A 193 -18.53 -13.19 10.00
N LYS A 194 -18.96 -13.27 11.26
CA LYS A 194 -20.38 -13.13 11.59
C LYS A 194 -20.83 -11.68 11.79
N ARG A 195 -19.88 -10.73 11.75
CA ARG A 195 -20.24 -9.31 11.80
C ARG A 195 -21.03 -8.97 10.54
N PRO A 196 -22.11 -8.16 10.67
CA PRO A 196 -22.89 -7.72 9.51
C PRO A 196 -22.02 -7.12 8.39
N SER A 197 -21.01 -6.34 8.76
CA SER A 197 -20.11 -5.73 7.79
C SER A 197 -19.40 -6.78 6.92
N PHE A 198 -19.03 -7.91 7.53
CA PHE A 198 -18.44 -9.00 6.78
C PHE A 198 -19.48 -9.80 6.00
N LEU A 199 -20.62 -10.06 6.62
CA LEU A 199 -21.69 -10.82 5.95
C LEU A 199 -22.20 -10.11 4.68
N GLU A 200 -22.24 -8.79 4.70
CA GLU A 200 -22.77 -7.99 3.59
C GLU A 200 -21.76 -7.77 2.48
N THR A 201 -20.49 -8.17 2.69
CA THR A 201 -19.43 -7.86 1.74
C THR A 201 -18.65 -9.07 1.25
N GLN A 202 -19.23 -10.27 1.32
CA GLN A 202 -18.51 -11.48 0.92
C GLN A 202 -18.20 -11.44 -0.57
N PRO A 203 -16.97 -11.85 -0.97
CA PRO A 203 -16.59 -11.78 -2.39
C PRO A 203 -17.44 -12.72 -3.21
N GLN A 204 -17.94 -13.77 -2.56
CA GLN A 204 -18.81 -14.77 -3.17
C GLN A 204 -20.15 -14.18 -3.64
N ALA A 205 -20.54 -13.01 -3.11
CA ALA A 205 -21.72 -12.30 -3.59
C ALA A 205 -21.60 -11.84 -5.05
N GLU A 206 -20.39 -11.89 -5.62
CA GLU A 206 -20.20 -11.62 -7.07
C GLU A 206 -21.08 -12.50 -7.96
N ASN A 207 -21.43 -13.70 -7.47
CA ASN A 207 -22.22 -14.67 -8.24
C ASN A 207 -23.73 -14.37 -8.32
N LEU A 208 -24.13 -13.22 -7.77
CA LEU A 208 -25.50 -12.68 -7.90
C LEU A 208 -26.55 -13.38 -7.04
N TYR A 209 -26.11 -14.20 -6.08
CA TYR A 209 -27.02 -15.02 -5.24
C TYR A 209 -28.13 -14.22 -4.56
N PHE A 210 -27.80 -13.00 -4.12
CA PHE A 210 -28.75 -12.17 -3.39
C PHE A 210 -29.69 -11.35 -4.32
N GLN A 211 -29.59 -11.59 -5.63
CA GLN A 211 -30.56 -11.03 -6.59
C GLN A 211 -31.65 -12.05 -6.97
N SER A 212 -31.58 -13.24 -6.38
CA SER A 212 -32.59 -14.28 -6.58
C SER A 212 -33.77 -14.00 -5.66
N HIS A 213 -34.98 -14.37 -6.10
CA HIS A 213 -36.20 -14.11 -5.34
C HIS A 213 -36.69 -15.34 -4.57
N VAL B 2 20.57 1.91 18.73
CA VAL B 2 20.40 2.62 17.44
C VAL B 2 19.49 1.77 16.56
N MET B 3 18.39 2.36 16.06
CA MET B 3 17.49 1.61 15.19
C MET B 3 18.18 1.22 13.89
N LYS B 4 17.81 0.06 13.36
CA LYS B 4 18.39 -0.43 12.11
C LYS B 4 17.36 -0.36 10.99
N LEU B 5 17.76 0.20 9.85
CA LEU B 5 16.90 0.18 8.67
C LEU B 5 17.49 -0.83 7.70
N ILE B 6 16.72 -1.87 7.41
CA ILE B 6 17.16 -2.88 6.46
C ILE B 6 16.68 -2.45 5.08
N GLY B 7 17.59 -2.37 4.11
CA GLY B 7 17.15 -1.99 2.77
C GLY B 7 18.23 -2.18 1.75
N SER B 8 18.08 -1.51 0.62
CA SER B 8 19.13 -1.49 -0.40
C SER B 8 19.25 -0.07 -0.91
N HIS B 9 20.38 0.22 -1.57
CA HIS B 9 20.62 1.53 -2.17
C HIS B 9 19.69 1.76 -3.37
N ALA B 10 19.32 0.70 -4.08
CA ALA B 10 18.47 0.87 -5.26
C ALA B 10 17.00 1.07 -4.91
N SER B 11 16.55 0.48 -3.80
CA SER B 11 15.13 0.43 -3.45
C SER B 11 14.54 1.83 -3.24
N PRO B 12 13.54 2.20 -4.07
CA PRO B 12 13.01 3.57 -3.93
C PRO B 12 12.10 3.72 -2.72
N TYR B 13 11.48 2.62 -2.26
CA TYR B 13 10.68 2.65 -1.03
C TYR B 13 11.61 2.82 0.17
N THR B 14 12.76 2.16 0.14
CA THR B 14 13.81 2.40 1.14
C THR B 14 14.30 3.85 1.08
N ARG B 15 14.49 4.35 -0.14
CA ARG B 15 14.96 5.73 -0.27
C ARG B 15 13.99 6.71 0.36
N LYS B 16 12.68 6.50 0.12
CA LYS B 16 11.67 7.34 0.76
C LYS B 16 11.88 7.40 2.26
N VAL B 17 12.06 6.23 2.87
CA VAL B 17 12.33 6.18 4.32
C VAL B 17 13.63 6.89 4.69
N ARG B 18 14.71 6.67 3.93
CA ARG B 18 15.99 7.30 4.26
C ARG B 18 15.95 8.83 4.15
N VAL B 19 15.22 9.35 3.18
CA VAL B 19 15.01 10.80 3.05
C VAL B 19 14.21 11.33 4.24
N VAL B 20 13.15 10.62 4.62
CA VAL B 20 12.37 10.98 5.83
C VAL B 20 13.28 11.03 7.06
N LEU B 21 14.08 9.98 7.28
CA LEU B 21 14.96 9.93 8.43
C LEU B 21 15.97 11.08 8.42
N ALA B 22 16.48 11.43 7.24
CA ALA B 22 17.42 12.56 7.12
C ALA B 22 16.72 13.88 7.42
N GLU B 23 15.51 14.04 6.89
CA GLU B 23 14.75 15.27 7.15
C GLU B 23 14.32 15.43 8.61
N LYS B 24 14.11 14.30 9.29
CA LYS B 24 13.73 14.31 10.71
C LYS B 24 14.97 14.34 11.62
N LYS B 25 16.15 14.19 11.01
CA LYS B 25 17.43 14.10 11.72
C LYS B 25 17.42 12.93 12.73
N ILE B 26 16.84 11.81 12.32
CA ILE B 26 16.82 10.64 13.16
C ILE B 26 18.03 9.77 12.84
N ASP B 27 18.80 9.46 13.88
CA ASP B 27 19.96 8.58 13.74
CA ASP B 27 19.97 8.58 13.75
C ASP B 27 19.52 7.15 13.51
N TYR B 28 20.21 6.45 12.61
CA TYR B 28 19.92 5.04 12.33
C TYR B 28 21.13 4.36 11.69
N GLN B 29 21.11 3.03 11.71
CA GLN B 29 22.14 2.25 11.04
C GLN B 29 21.53 1.60 9.81
N PHE B 30 22.14 1.79 8.65
CA PHE B 30 21.64 1.24 7.40
C PHE B 30 22.24 -0.14 7.13
N VAL B 31 21.39 -1.15 7.10
CA VAL B 31 21.80 -2.55 6.91
C VAL B 31 21.36 -2.99 5.51
N LEU B 32 22.32 -3.41 4.69
CA LEU B 32 22.03 -3.78 3.31
C LEU B 32 21.58 -5.22 3.22
N GLU B 33 20.52 -5.48 2.45
CA GLU B 33 20.02 -6.84 2.23
C GLU B 33 19.58 -6.98 0.77
N ASP B 34 19.89 -8.12 0.15
CA ASP B 34 19.36 -8.42 -1.19
C ASP B 34 18.16 -9.35 -1.06
N VAL B 35 16.97 -8.79 -1.21
CA VAL B 35 15.74 -9.56 -0.98
C VAL B 35 15.39 -10.50 -2.13
N TRP B 36 16.05 -10.31 -3.28
CA TRP B 36 15.76 -11.15 -4.45
C TRP B 36 16.57 -12.43 -4.49
N ASN B 37 17.59 -12.50 -3.66
CA ASN B 37 18.45 -13.68 -3.62
C ASN B 37 17.75 -14.80 -2.88
N ALA B 38 17.88 -16.04 -3.36
CA ALA B 38 17.18 -17.19 -2.74
C ALA B 38 17.52 -17.41 -1.26
N ASP B 39 18.71 -16.98 -0.85
CA ASP B 39 19.18 -17.19 0.52
C ASP B 39 19.03 -15.97 1.40
N THR B 40 18.20 -15.01 0.96
CA THR B 40 17.94 -13.80 1.74
C THR B 40 17.48 -14.12 3.16
N GLN B 41 17.85 -13.27 4.11
CA GLN B 41 17.44 -13.46 5.50
C GLN B 41 16.32 -12.49 5.91
N ILE B 42 15.73 -11.80 4.93
CA ILE B 42 14.76 -10.73 5.21
C ILE B 42 13.54 -11.19 6.01
N HIS B 43 13.11 -12.45 5.80
CA HIS B 43 11.94 -13.00 6.49
C HIS B 43 12.09 -13.17 8.00
N GLN B 44 13.31 -13.07 8.51
CA GLN B 44 13.51 -13.03 9.96
C GLN B 44 12.86 -11.79 10.56
N PHE B 45 12.76 -10.73 9.75
CA PHE B 45 12.32 -9.43 10.26
C PHE B 45 11.03 -8.96 9.62
N ASN B 46 10.93 -9.08 8.30
CA ASN B 46 9.70 -8.71 7.64
C ASN B 46 9.08 -9.98 7.04
N PRO B 47 7.93 -10.43 7.57
CA PRO B 47 7.22 -11.60 7.04
C PRO B 47 6.91 -11.51 5.54
N LEU B 48 6.74 -10.28 5.03
CA LEU B 48 6.45 -10.07 3.63
C LEU B 48 7.68 -10.17 2.74
N GLY B 49 8.85 -10.21 3.36
CA GLY B 49 10.09 -10.42 2.62
C GLY B 49 10.48 -9.24 1.75
N LYS B 50 10.11 -8.04 2.19
CA LYS B 50 10.34 -6.82 1.43
CA LYS B 50 10.38 -6.83 1.42
C LYS B 50 11.21 -5.84 2.24
N VAL B 51 11.87 -4.94 1.53
CA VAL B 51 12.55 -3.80 2.14
C VAL B 51 11.81 -2.53 1.68
N PRO B 52 11.78 -1.50 2.55
CA PRO B 52 12.46 -1.37 3.85
C PRO B 52 11.77 -2.07 5.02
N CYS B 53 12.58 -2.39 6.02
CA CYS B 53 12.09 -2.88 7.29
C CYS B 53 12.91 -2.18 8.39
N LEU B 54 12.23 -1.57 9.35
CA LEU B 54 12.90 -0.88 10.46
C LEU B 54 12.87 -1.77 11.70
N VAL B 55 14.03 -2.02 12.28
CA VAL B 55 14.12 -2.86 13.48
C VAL B 55 14.59 -2.00 14.65
N MET B 56 13.75 -1.94 15.70
CA MET B 56 14.03 -1.16 16.91
C MET B 56 15.00 -1.88 17.83
N ASP B 57 15.42 -1.17 18.89
CA ASP B 57 16.34 -1.70 19.90
C ASP B 57 15.77 -2.91 20.64
N ASP B 58 14.46 -2.88 20.90
CA ASP B 58 13.75 -4.00 21.51
C ASP B 58 13.53 -5.19 20.56
N GLY B 59 13.86 -5.01 19.28
CA GLY B 59 13.72 -6.06 18.29
C GLY B 59 12.39 -6.05 17.57
N GLY B 60 11.56 -5.04 17.84
CA GLY B 60 10.30 -4.87 17.13
C GLY B 60 10.59 -4.46 15.69
N ALA B 61 9.86 -5.07 14.75
CA ALA B 61 10.05 -4.79 13.32
C ALA B 61 8.86 -4.03 12.75
N LEU B 62 9.16 -3.01 11.95
CA LEU B 62 8.11 -2.20 11.34
C LEU B 62 8.25 -2.18 9.83
N PHE B 63 7.10 -2.16 9.15
CA PHE B 63 6.99 -2.17 7.69
C PHE B 63 5.51 -1.80 7.41
N ASP B 64 5.14 -1.39 6.20
CA ASP B 64 6.03 -1.16 5.05
C ASP B 64 6.56 0.30 5.08
N SER B 65 6.98 0.83 3.94
CA SER B 65 7.60 2.16 3.92
C SER B 65 6.65 3.27 4.41
N ARG B 66 5.35 3.14 4.14
CA ARG B 66 4.37 4.12 4.62
C ARG B 66 4.26 4.13 6.13
N VAL B 67 4.25 2.94 6.72
CA VAL B 67 4.15 2.81 8.18
C VAL B 67 5.40 3.36 8.86
N ILE B 68 6.55 2.99 8.31
CA ILE B 68 7.83 3.49 8.81
C ILE B 68 7.91 5.01 8.72
N ALA B 69 7.58 5.58 7.56
CA ALA B 69 7.64 7.05 7.40
C ALA B 69 6.72 7.77 8.41
N GLU B 70 5.52 7.23 8.61
CA GLU B 70 4.58 7.80 9.57
C GLU B 70 5.12 7.74 10.99
N TYR B 71 5.66 6.59 11.37
CA TYR B 71 6.27 6.42 12.70
C TYR B 71 7.43 7.42 12.90
N ALA B 72 8.29 7.53 11.89
CA ALA B 72 9.45 8.43 11.96
C ALA B 72 9.03 9.88 12.16
N ASP B 73 7.91 10.28 11.54
CA ASP B 73 7.45 11.67 11.68
C ASP B 73 7.08 11.99 13.15
N THR B 74 6.62 10.99 13.89
CA THR B 74 6.25 11.18 15.30
C THR B 74 7.45 11.14 16.26
N LEU B 75 8.56 10.58 15.80
CA LEU B 75 9.72 10.35 16.66
C LEU B 75 10.55 11.60 16.93
N SER B 76 10.46 12.57 16.03
CA SER B 76 11.32 13.74 16.08
C SER B 76 10.51 15.00 15.80
N PRO B 77 10.85 16.11 16.47
CA PRO B 77 10.16 17.39 16.22
C PRO B 77 10.70 18.20 15.03
N VAL B 78 11.76 17.73 14.40
CA VAL B 78 12.34 18.42 13.25
C VAL B 78 11.47 18.18 12.02
N ALA B 79 10.96 19.26 11.41
CA ALA B 79 10.02 19.19 10.27
C ALA B 79 8.66 18.60 10.64
N ARG B 80 7.71 18.80 9.74
CA ARG B 80 6.33 18.35 9.95
C ARG B 80 5.89 17.69 8.68
N LEU B 81 6.17 16.40 8.53
CA LEU B 81 6.01 15.78 7.23
C LEU B 81 4.61 15.27 6.92
N ILE B 82 3.81 15.02 7.97
CA ILE B 82 2.44 14.56 7.78
C ILE B 82 1.54 15.48 8.60
N PRO B 83 0.63 16.19 7.94
CA PRO B 83 -0.27 17.06 8.70
C PRO B 83 -1.12 16.26 9.72
N PRO B 84 -1.37 16.83 10.92
N PRO B 84 -1.61 16.95 10.77
CA PRO B 84 -2.00 16.02 11.96
CA PRO B 84 -2.63 16.41 11.69
C PRO B 84 -3.46 15.66 11.66
C PRO B 84 -3.96 16.14 10.96
N SER B 85 -4.12 16.43 10.81
N SER B 85 -4.79 15.28 11.51
CA SER B 85 -5.53 16.20 10.58
CA SER B 85 -6.05 14.92 10.85
C SER B 85 -6.14 16.94 9.39
C SER B 85 -6.75 16.17 10.26
N GLY B 86 -7.42 16.64 9.22
N GLY B 86 -7.25 16.04 9.02
CA GLY B 86 -8.25 17.31 8.27
CA GLY B 86 -7.89 17.15 8.30
C GLY B 86 -7.88 17.02 6.85
C GLY B 86 -7.82 16.97 6.79
N ARG B 87 -8.28 17.96 6.00
CA ARG B 87 -8.14 17.90 4.55
C ARG B 87 -6.68 17.74 4.11
N GLU B 88 -5.78 18.43 4.80
CA GLU B 88 -4.36 18.41 4.45
C GLU B 88 -3.73 17.04 4.65
N ARG B 89 -4.14 16.34 5.71
CA ARG B 89 -3.61 15.03 5.99
CA ARG B 89 -3.58 15.01 5.99
C ARG B 89 -3.97 14.03 4.89
N VAL B 90 -5.26 13.97 4.55
CA VAL B 90 -5.70 13.04 3.53
CA VAL B 90 -5.76 13.09 3.49
C VAL B 90 -5.05 13.37 2.17
N GLU B 91 -4.89 14.66 1.87
CA GLU B 91 -4.24 15.08 0.64
C GLU B 91 -2.82 14.54 0.59
N VAL B 92 -2.08 14.74 1.68
CA VAL B 92 -0.71 14.21 1.77
C VAL B 92 -0.64 12.68 1.65
N ARG B 93 -1.56 11.97 2.32
CA ARG B 93 -1.60 10.50 2.25
CA ARG B 93 -1.56 10.50 2.24
C ARG B 93 -1.86 10.04 0.82
N CYS B 94 -2.78 10.72 0.15
CA CYS B 94 -3.14 10.38 -1.24
C CYS B 94 -1.96 10.67 -2.20
N TRP B 95 -1.27 11.80 -2.01
CA TRP B 95 -0.03 12.05 -2.78
C TRP B 95 0.98 10.92 -2.60
N GLU B 96 1.14 10.44 -1.35
CA GLU B 96 2.08 9.32 -1.08
C GLU B 96 1.63 8.07 -1.83
N ALA B 97 0.32 7.80 -1.81
CA ALA B 97 -0.22 6.66 -2.56
C ALA B 97 -0.01 6.76 -4.04
N LEU B 98 -0.16 7.97 -4.60
CA LEU B 98 0.07 8.19 -6.03
C LEU B 98 1.53 7.93 -6.40
N ALA B 99 2.45 8.48 -5.61
CA ALA B 99 3.87 8.25 -5.81
C ALA B 99 4.27 6.79 -5.60
N ASP B 100 3.71 6.14 -4.56
CA ASP B 100 4.02 4.73 -4.32
C ASP B 100 3.49 3.85 -5.45
N GLY B 101 2.33 4.24 -5.99
CA GLY B 101 1.75 3.54 -7.15
C GLY B 101 2.57 3.66 -8.43
N LEU B 102 3.17 4.83 -8.65
CA LEU B 102 4.11 4.98 -9.78
C LEU B 102 5.30 4.04 -9.53
N LEU B 103 5.85 4.09 -8.32
CA LEU B 103 6.91 3.13 -7.95
C LEU B 103 6.49 1.69 -8.17
N ASP B 104 5.28 1.31 -7.77
CA ASP B 104 4.82 -0.08 -7.93
C ASP B 104 4.90 -0.52 -9.39
N ALA B 105 4.46 0.37 -10.29
CA ALA B 105 4.48 0.09 -11.73
C ALA B 105 5.89 0.01 -12.27
N ALA B 106 6.74 0.94 -11.84
CA ALA B 106 8.15 1.00 -12.28
C ALA B 106 8.92 -0.23 -11.80
N VAL B 107 8.71 -0.58 -10.54
CA VAL B 107 9.34 -1.78 -9.98
C VAL B 107 8.83 -3.05 -10.70
N ALA B 108 7.53 -3.09 -11.03
CA ALA B 108 6.98 -4.23 -11.79
C ALA B 108 7.70 -4.40 -13.12
N LEU B 109 7.99 -3.29 -13.79
CA LEU B 109 8.76 -3.31 -15.04
C LEU B 109 10.17 -3.87 -14.86
N ARG B 110 10.80 -3.51 -13.74
CA ARG B 110 12.13 -4.03 -13.40
C ARG B 110 12.08 -5.54 -13.11
N VAL B 111 11.07 -5.94 -12.34
CA VAL B 111 10.85 -7.34 -11.97
C VAL B 111 10.58 -8.18 -13.22
N GLU B 112 9.84 -7.62 -14.18
CA GLU B 112 9.55 -8.33 -15.42
C GLU B 112 10.86 -8.68 -16.16
N GLN B 113 11.87 -7.82 -16.06
CA GLN B 113 13.15 -8.07 -16.73
C GLN B 113 14.08 -8.97 -15.91
N THR B 114 14.10 -8.81 -14.59
CA THR B 114 15.07 -9.55 -13.75
C THR B 114 14.59 -10.88 -13.18
N GLN B 115 13.28 -11.05 -13.03
CA GLN B 115 12.74 -12.24 -12.35
C GLN B 115 12.01 -13.18 -13.30
N ARG B 116 11.92 -12.78 -14.58
CA ARG B 116 11.31 -13.62 -15.59
CA ARG B 116 11.31 -13.59 -15.62
C ARG B 116 12.29 -13.82 -16.75
N THR B 117 12.27 -15.01 -17.33
CA THR B 117 13.05 -15.31 -18.52
C THR B 117 12.40 -14.60 -19.72
N PRO B 118 13.14 -14.38 -20.83
CA PRO B 118 12.51 -13.73 -21.98
C PRO B 118 11.20 -14.40 -22.45
N GLU B 119 11.13 -15.72 -22.34
CA GLU B 119 9.94 -16.48 -22.75
C GLU B 119 8.74 -16.30 -21.82
N GLN B 120 9.01 -15.81 -20.61
CA GLN B 120 7.96 -15.64 -19.61
C GLN B 120 7.39 -14.22 -19.58
N ARG B 121 8.03 -13.30 -20.32
CA ARG B 121 7.65 -11.89 -20.29
C ARG B 121 6.41 -11.59 -21.12
N SER B 122 5.57 -10.69 -20.61
CA SER B 122 4.31 -10.36 -21.25
C SER B 122 4.33 -8.92 -21.73
N GLU B 123 4.15 -8.73 -23.04
CA GLU B 123 4.16 -7.37 -23.58
C GLU B 123 2.90 -6.60 -23.16
N SER B 124 1.78 -7.30 -22.99
CA SER B 124 0.55 -6.62 -22.54
C SER B 124 0.70 -6.11 -21.10
N TRP B 125 1.36 -6.91 -20.26
CA TRP B 125 1.68 -6.49 -18.88
C TRP B 125 2.61 -5.28 -18.86
N ILE B 126 3.63 -5.30 -19.71
CA ILE B 126 4.58 -4.20 -19.82
C ILE B 126 3.88 -2.90 -20.23
N THR B 127 3.00 -3.03 -21.24
CA THR B 127 2.19 -1.92 -21.72
C THR B 127 1.31 -1.34 -20.60
N ARG B 128 0.69 -2.23 -19.84
CA ARG B 128 -0.16 -1.85 -18.75
CA ARG B 128 -0.18 -1.90 -18.72
C ARG B 128 0.58 -1.07 -17.65
N GLN B 129 1.75 -1.52 -17.27
CA GLN B 129 2.54 -0.77 -16.27
C GLN B 129 3.06 0.58 -16.79
N HIS B 130 3.48 0.63 -18.05
CA HIS B 130 3.81 1.92 -18.67
C HIS B 130 2.65 2.90 -18.69
N HIS B 131 1.44 2.40 -18.91
CA HIS B 131 0.26 3.27 -18.96
C HIS B 131 0.00 3.88 -17.58
N LYS B 132 0.16 3.06 -16.52
CA LYS B 132 0.02 3.53 -15.15
C LYS B 132 1.03 4.63 -14.83
N ILE B 133 2.28 4.46 -15.27
CA ILE B 133 3.31 5.47 -15.05
C ILE B 133 2.95 6.78 -15.76
N ASP B 134 2.55 6.66 -17.03
CA ASP B 134 2.15 7.84 -17.81
CA ASP B 134 2.15 7.84 -17.81
C ASP B 134 1.00 8.58 -17.13
N GLU B 135 -0.02 7.84 -16.71
CA GLU B 135 -1.20 8.43 -16.06
C GLU B 135 -0.87 9.02 -14.69
N ALA B 136 -0.05 8.32 -13.91
CA ALA B 136 0.43 8.86 -12.62
C ALA B 136 1.18 10.18 -12.77
N LEU B 137 2.06 10.27 -13.77
CA LEU B 137 2.82 11.50 -14.03
C LEU B 137 1.90 12.65 -14.40
N LYS B 138 0.90 12.36 -15.24
CA LYS B 138 -0.10 13.36 -15.62
CA LYS B 138 -0.10 13.38 -15.62
C LYS B 138 -0.84 13.89 -14.39
N ALA B 139 -1.22 12.97 -13.50
CA ALA B 139 -1.92 13.37 -12.27
C ALA B 139 -1.02 14.18 -11.34
N MET B 140 0.25 13.79 -11.21
CA MET B 140 1.19 14.55 -10.40
C MET B 140 1.35 15.97 -10.96
N SER B 141 1.47 16.06 -12.27
CA SER B 141 1.61 17.38 -12.90
C SER B 141 0.37 18.27 -12.68
N ARG B 142 -0.82 17.70 -12.93
CA ARG B 142 -2.09 18.42 -12.67
C ARG B 142 -2.22 18.82 -11.21
N GLY B 143 -1.86 17.91 -10.31
CA GLY B 143 -1.93 18.16 -8.88
C GLY B 143 -1.01 19.25 -8.38
N LEU B 144 0.22 19.30 -8.90
CA LEU B 144 1.19 20.30 -8.46
C LEU B 144 0.86 21.68 -9.04
N ALA B 145 0.38 21.68 -10.28
CA ALA B 145 0.03 22.92 -11.01
C ALA B 145 1.22 23.86 -10.99
N ASP B 146 1.01 25.09 -10.54
CA ASP B 146 2.08 26.08 -10.48
C ASP B 146 2.64 26.27 -9.06
N ARG B 147 2.31 25.35 -8.15
CA ARG B 147 2.76 25.46 -6.76
C ARG B 147 4.19 24.95 -6.57
N THR B 148 4.83 25.42 -5.50
CA THR B 148 6.17 24.97 -5.13
C THR B 148 6.18 23.59 -4.46
N TRP B 149 5.23 23.39 -3.55
CA TRP B 149 5.14 22.17 -2.76
C TRP B 149 3.87 21.43 -3.15
N CYS B 150 3.86 20.11 -2.96
CA CYS B 150 2.65 19.32 -3.23
C CYS B 150 1.45 19.73 -2.40
N ASN B 151 1.69 20.00 -1.12
CA ASN B 151 0.62 20.33 -0.18
C ASN B 151 1.03 21.41 0.80
N GLY B 152 0.14 22.37 1.00
CA GLY B 152 0.41 23.46 1.93
C GLY B 152 1.55 24.28 1.40
N ASN B 153 2.36 24.79 2.30
CA ASN B 153 3.46 25.62 1.88
C ASN B 153 4.77 25.24 2.56
N HIS B 154 5.01 23.94 2.69
CA HIS B 154 6.23 23.45 3.29
C HIS B 154 6.45 22.02 2.85
N LEU B 155 7.65 21.51 3.09
CA LEU B 155 7.99 20.12 2.74
C LEU B 155 7.12 19.12 3.49
N THR B 156 6.51 18.19 2.76
CA THR B 156 5.79 17.10 3.42
C THR B 156 6.25 15.77 2.85
N LEU B 157 5.73 14.69 3.41
CA LEU B 157 5.94 13.34 2.86
C LEU B 157 5.48 13.25 1.38
N ALA B 158 4.50 14.06 0.98
CA ALA B 158 4.08 14.13 -0.42
C ALA B 158 5.24 14.50 -1.36
N ASP B 159 5.97 15.56 -1.01
CA ASP B 159 7.12 16.00 -1.81
C ASP B 159 8.21 14.92 -1.86
N ILE B 160 8.49 14.34 -0.70
CA ILE B 160 9.53 13.32 -0.58
C ILE B 160 9.17 12.11 -1.45
N ALA B 161 7.92 11.64 -1.33
CA ALA B 161 7.45 10.50 -2.11
C ALA B 161 7.52 10.75 -3.62
N VAL B 162 6.99 11.90 -4.06
CA VAL B 162 7.08 12.30 -5.47
C VAL B 162 8.53 12.38 -5.96
N GLY B 163 9.39 13.00 -5.17
CA GLY B 163 10.81 13.14 -5.54
C GLY B 163 11.48 11.77 -5.73
N CYS B 164 11.18 10.85 -4.82
CA CYS B 164 11.73 9.48 -4.93
C CYS B 164 11.23 8.75 -6.18
N ALA B 165 9.96 8.98 -6.53
CA ALA B 165 9.35 8.37 -7.73
C ALA B 165 9.99 8.87 -9.03
N LEU B 166 10.17 10.19 -9.14
CA LEU B 166 10.81 10.79 -10.32
C LEU B 166 12.27 10.35 -10.44
N ALA B 167 12.98 10.31 -9.31
CA ALA B 167 14.36 9.85 -9.30
C ALA B 167 14.49 8.37 -9.67
N TYR B 168 13.52 7.57 -9.26
CA TYR B 168 13.55 6.16 -9.64
C TYR B 168 13.31 5.96 -11.14
N LEU B 169 12.46 6.80 -11.73
CA LEU B 169 12.32 6.77 -13.21
C LEU B 169 13.64 7.11 -13.89
N ASP B 170 14.37 8.11 -13.37
CA ASP B 170 15.68 8.46 -13.95
C ASP B 170 16.66 7.28 -13.89
N PHE B 171 16.58 6.52 -12.80
CA PHE B 171 17.49 5.42 -12.50
C PHE B 171 17.18 4.16 -13.35
N ARG B 172 15.92 3.71 -13.34
CA ARG B 172 15.55 2.44 -13.98
C ARG B 172 14.79 2.52 -15.31
N GLN B 173 14.14 3.66 -15.57
CA GLN B 173 13.42 3.89 -16.82
C GLN B 173 13.90 5.19 -17.48
N PRO B 174 15.22 5.35 -17.69
CA PRO B 174 15.75 6.66 -18.09
C PRO B 174 15.29 7.13 -19.48
N GLN B 175 14.72 6.21 -20.25
CA GLN B 175 14.15 6.50 -21.56
C GLN B 175 12.77 7.17 -21.47
N VAL B 176 12.12 7.11 -20.30
CA VAL B 176 10.85 7.82 -20.09
C VAL B 176 11.17 9.30 -19.89
N ASP B 177 10.85 10.12 -20.89
CA ASP B 177 11.19 11.55 -20.81
C ASP B 177 10.07 12.33 -20.13
N TRP B 178 9.95 12.14 -18.82
CA TRP B 178 8.93 12.83 -18.05
C TRP B 178 9.13 14.35 -17.93
N ARG B 179 10.39 14.80 -17.99
CA ARG B 179 10.70 16.25 -17.92
C ARG B 179 10.13 17.00 -19.11
N GLU B 180 10.25 16.41 -20.30
CA GLU B 180 9.74 16.99 -21.55
C GLU B 180 8.21 17.11 -21.52
N GLN B 181 7.54 16.09 -21.00
CA GLN B 181 6.09 16.08 -20.94
C GLN B 181 5.55 17.01 -19.85
N HIS B 182 6.32 17.17 -18.77
CA HIS B 182 5.82 17.88 -17.58
C HIS B 182 6.82 18.84 -17.00
N ALA B 183 6.82 20.07 -17.51
CA ALA B 183 7.79 21.09 -17.09
C ALA B 183 7.72 21.42 -15.60
N ASN B 184 6.51 21.42 -15.03
CA ASN B 184 6.40 21.69 -13.59
C ASN B 184 7.06 20.58 -12.75
N LEU B 185 6.93 19.32 -13.18
CA LEU B 185 7.63 18.22 -12.47
C LEU B 185 9.15 18.32 -12.62
N ALA B 186 9.62 18.76 -13.80
CA ALA B 186 11.05 19.00 -14.01
C ALA B 186 11.59 20.08 -13.06
N ALA B 187 10.84 21.18 -12.93
CA ALA B 187 11.24 22.26 -12.04
C ALA B 187 11.19 21.79 -10.58
N PHE B 188 10.12 21.07 -10.22
CA PHE B 188 9.97 20.51 -8.87
C PHE B 188 11.18 19.65 -8.49
N TYR B 189 11.54 18.74 -9.38
CA TYR B 189 12.66 17.84 -9.13
C TYR B 189 14.01 18.59 -9.05
N THR B 190 14.20 19.59 -9.90
CA THR B 190 15.43 20.39 -9.87
C THR B 190 15.62 21.03 -8.48
N ARG B 191 14.51 21.48 -7.88
CA ARG B 191 14.52 21.99 -6.50
C ARG B 191 14.81 20.88 -5.49
N ILE B 192 14.03 19.79 -5.54
CA ILE B 192 14.12 18.78 -4.48
C ILE B 192 15.42 17.98 -4.48
N GLU B 193 16.02 17.79 -5.66
CA GLU B 193 17.22 16.95 -5.77
C GLU B 193 18.43 17.64 -5.15
N LYS B 194 18.32 18.95 -4.93
CA LYS B 194 19.37 19.74 -4.28
C LYS B 194 19.41 19.59 -2.75
N ARG B 195 18.31 19.12 -2.17
CA ARG B 195 18.27 18.87 -0.71
C ARG B 195 19.29 17.79 -0.33
N PRO B 196 20.04 18.01 0.78
CA PRO B 196 21.04 17.05 1.25
C PRO B 196 20.48 15.62 1.46
N SER B 197 19.23 15.53 1.89
CA SER B 197 18.53 14.23 2.05
C SER B 197 18.46 13.45 0.74
N PHE B 198 18.23 14.14 -0.37
CA PHE B 198 18.28 13.50 -1.69
C PHE B 198 19.71 13.28 -2.17
N LEU B 199 20.59 14.26 -1.94
CA LEU B 199 21.99 14.12 -2.37
C LEU B 199 22.69 12.92 -1.76
N GLU B 200 22.36 12.64 -0.51
CA GLU B 200 23.03 11.58 0.26
C GLU B 200 22.41 10.19 0.10
N THR B 201 21.33 10.08 -0.69
CA THR B 201 20.61 8.80 -0.82
C THR B 201 20.39 8.37 -2.27
N GLN B 202 21.27 8.80 -3.17
CA GLN B 202 21.15 8.43 -4.59
C GLN B 202 21.35 6.92 -4.82
N PRO B 203 20.57 6.34 -5.76
CA PRO B 203 20.59 4.89 -5.95
C PRO B 203 21.85 4.40 -6.68
C ACT C . -9.63 -11.03 -7.58
O ACT C . -9.37 -12.13 -7.04
OXT ACT C . -10.32 -11.07 -8.62
CH3 ACT C . -9.16 -9.73 -7.02
C ACT D . 1.69 -4.36 -8.78
O ACT D . 0.54 -3.92 -9.01
OXT ACT D . 2.12 -4.22 -7.62
CH3 ACT D . 2.50 -5.01 -9.85
C ACT E . -5.12 -0.93 -2.68
O ACT E . -6.12 -0.18 -2.79
OXT ACT E . -4.58 -0.91 -1.55
CH3 ACT E . -4.65 -1.76 -3.83
C ACT F . 9.88 -9.10 -3.02
O ACT F . 10.21 -10.30 -2.78
OXT ACT F . 8.69 -8.91 -3.28
CH3 ACT F . 10.82 -7.95 -3.02
C ACT G . -8.23 -5.90 -6.92
O ACT G . -8.60 -5.68 -8.13
OXT ACT G . -8.37 -5.02 -6.02
CH3 ACT G . -7.57 -7.17 -6.62
C ACT H . -4.58 -3.38 -11.69
O ACT H . -5.18 -3.00 -12.66
OXT ACT H . -3.41 -3.18 -11.86
CH3 ACT H . -5.21 -4.01 -10.48
C ACT I . 15.65 -1.81 -8.02
O ACT I . 15.46 -1.22 -9.10
OXT ACT I . 16.58 -2.66 -7.99
CH3 ACT I . 14.81 -1.55 -6.81
C ACT J . 7.04 -0.66 0.62
O ACT J . 6.21 0.27 0.54
OXT ACT J . 7.77 -0.62 1.61
CH3 ACT J . 7.21 -1.77 -0.40
C ACT K . 3.75 -7.69 -5.77
O ACT K . 4.59 -7.80 -4.85
OXT ACT K . 2.73 -7.03 -5.56
CH3 ACT K . 3.98 -8.25 -7.10
C ACT L . 12.52 -2.74 -3.93
O ACT L . 13.04 -3.74 -3.44
OXT ACT L . 12.25 -1.84 -3.17
CH3 ACT L . 12.19 -2.71 -5.34
#